data_2G7G
#
_entry.id   2G7G
#
_cell.length_a   99.508
_cell.length_b   99.508
_cell.length_c   40.472
_cell.angle_alpha   90.00
_cell.angle_beta   90.00
_cell.angle_gamma   90.00
#
_symmetry.space_group_name_H-M   'P 41 21 2'
#
loop_
_entity.id
_entity.type
_entity.pdbx_description
1 polymer 'Rha04620, Putative Transcriptional Regulator'
2 non-polymer 'ACETIC ACID'
3 water water
#
_entity_poly.entity_id   1
_entity_poly.type   'polypeptide(L)'
_entity_poly.pdbx_seq_one_letter_code
;GH(MSE)GRPRVARLDRERIAEAALELVDRDGDFR(MSE)PDLARHLNVQVSSIYHHAKGRAAVVELVRHRVVREIDGSA
FERLPWDEAFSEWARSYRAAFSRHPTAIRLLATETVRDPGSLSVYHSAAAGLRGAGFPDDHI(MSE)AVITAAENFLLGA
ALDAAAPEV(MSE)IEADSTTTDDALTRALAAAPRGPERAEQAFELGLAALLAGFHHLLQECGAVQRGS
;
_entity_poly.pdbx_strand_id   A
#
# COMPACT_ATOMS: atom_id res chain seq x y z
N LEU A 11 16.32 -9.27 21.31
CA LEU A 11 15.19 -8.28 21.38
C LEU A 11 15.62 -6.85 21.04
N ASP A 12 15.39 -6.48 19.80
CA ASP A 12 15.59 -5.13 19.38
C ASP A 12 14.32 -4.73 18.64
N ARG A 13 14.33 -3.55 18.05
CA ARG A 13 13.15 -3.02 17.37
C ARG A 13 12.77 -3.89 16.16
N GLU A 14 13.78 -4.33 15.42
CA GLU A 14 13.57 -5.20 14.26
C GLU A 14 12.85 -6.50 14.63
N ARG A 15 13.24 -7.14 15.73
CA ARG A 15 12.59 -8.40 16.16
C ARG A 15 11.14 -8.18 16.70
N ILE A 16 10.89 -7.02 17.30
CA ILE A 16 9.55 -6.64 17.71
C ILE A 16 8.71 -6.43 16.46
N ALA A 17 9.23 -5.66 15.49
CA ALA A 17 8.51 -5.37 14.25
C ALA A 17 8.11 -6.66 13.52
N GLU A 18 9.05 -7.60 13.48
CA GLU A 18 8.87 -8.92 12.88
C GLU A 18 7.72 -9.74 13.48
N ALA A 19 7.77 -9.93 14.79
CA ALA A 19 6.76 -10.72 15.49
C ALA A 19 5.38 -10.03 15.42
N ALA A 20 5.38 -8.72 15.50
CA ALA A 20 4.09 -7.98 15.44
C ALA A 20 3.41 -8.15 14.07
N LEU A 21 4.18 -8.01 13.00
CA LEU A 21 3.67 -8.19 11.63
C LEU A 21 3.18 -9.62 11.34
N GLU A 22 3.86 -10.60 11.94
CA GLU A 22 3.42 -11.99 11.92
C GLU A 22 2.04 -12.13 12.57
N LEU A 23 1.82 -11.50 13.73
CA LEU A 23 0.50 -11.56 14.33
C LEU A 23 -0.54 -10.82 13.47
N VAL A 24 -0.16 -9.66 12.99
CA VAL A 24 -1.08 -8.89 12.14
C VAL A 24 -1.42 -9.69 10.87
N ASP A 25 -0.44 -10.39 10.28
CA ASP A 25 -0.66 -11.24 9.08
C ASP A 25 -1.73 -12.30 9.32
N ARG A 26 -1.70 -12.88 10.51
CA ARG A 26 -2.63 -13.91 10.89
C ARG A 26 -3.99 -13.38 11.27
N ASP A 27 -4.05 -12.32 12.09
CA ASP A 27 -5.33 -11.88 12.66
C ASP A 27 -5.85 -10.51 12.22
N GLY A 28 -5.03 -9.71 11.53
CA GLY A 28 -5.46 -8.34 11.18
C GLY A 28 -5.17 -7.27 12.23
N ASP A 29 -4.73 -7.71 13.41
CA ASP A 29 -4.34 -6.82 14.50
C ASP A 29 -3.51 -7.65 15.48
N PHE A 30 -2.97 -6.98 16.50
CA PHE A 30 -2.21 -7.65 17.57
C PHE A 30 -2.58 -7.01 18.91
N ARG A 31 -2.36 -7.75 19.99
N ARG A 31 -2.34 -7.76 19.98
CA ARG A 31 -2.47 -7.20 21.34
CA ARG A 31 -2.46 -7.29 21.36
C ARG A 31 -1.13 -7.34 22.04
C ARG A 31 -1.07 -7.32 21.98
N PRO A 33 0.15 -7.98 25.11
CA PRO A 33 0.49 -9.22 25.85
C PRO A 33 0.73 -10.44 24.99
N ASP A 34 -0.05 -10.58 23.92
N ASP A 34 -0.06 -10.58 23.93
CA ASP A 34 0.14 -11.69 22.99
CA ASP A 34 0.13 -11.67 22.97
C ASP A 34 1.44 -11.53 22.21
C ASP A 34 1.44 -11.53 22.23
N LEU A 35 1.76 -10.29 21.85
CA LEU A 35 3.03 -9.99 21.20
C LEU A 35 4.21 -10.37 22.12
N ALA A 36 4.10 -10.01 23.40
CA ALA A 36 5.12 -10.31 24.41
C ALA A 36 5.30 -11.82 24.58
N ARG A 37 4.18 -12.54 24.63
CA ARG A 37 4.19 -14.00 24.68
C ARG A 37 4.95 -14.63 23.52
N HIS A 38 4.69 -14.16 22.29
N HIS A 38 4.65 -14.18 22.29
CA HIS A 38 5.38 -14.68 21.10
CA HIS A 38 5.34 -14.61 21.07
C HIS A 38 6.85 -14.28 20.98
C HIS A 38 6.87 -14.46 21.23
N LEU A 39 7.28 -13.33 21.81
CA LEU A 39 8.69 -12.95 21.93
C LEU A 39 9.35 -13.53 23.17
N ASN A 40 8.60 -14.34 23.91
CA ASN A 40 8.98 -14.83 25.24
C ASN A 40 9.49 -13.74 26.17
N VAL A 41 8.76 -12.63 26.29
CA VAL A 41 9.17 -11.52 27.18
C VAL A 41 7.97 -10.95 27.94
N GLN A 42 8.22 -10.00 28.83
N GLN A 42 8.26 -10.00 28.84
CA GLN A 42 7.10 -9.25 29.41
CA GLN A 42 7.26 -9.15 29.47
C GLN A 42 6.93 -7.96 28.61
C GLN A 42 6.87 -8.06 28.44
N VAL A 43 5.71 -7.43 28.63
CA VAL A 43 5.35 -6.23 27.85
C VAL A 43 6.34 -5.14 28.16
N SER A 44 6.69 -5.06 29.45
CA SER A 44 7.79 -4.23 29.93
C SER A 44 9.00 -4.15 29.00
N SER A 45 9.45 -5.30 28.55
CA SER A 45 10.66 -5.38 27.72
C SER A 45 10.42 -4.72 26.36
N ILE A 46 9.21 -4.90 25.83
CA ILE A 46 8.83 -4.25 24.59
C ILE A 46 8.87 -2.71 24.75
N TYR A 47 8.30 -2.19 25.83
CA TYR A 47 8.18 -0.75 26.08
C TYR A 47 9.54 -0.04 26.13
N HIS A 48 10.60 -0.79 26.42
CA HIS A 48 11.95 -0.24 26.44
C HIS A 48 12.49 0.02 25.04
N HIS A 49 11.91 -0.63 24.02
CA HIS A 49 12.33 -0.39 22.65
C HIS A 49 11.33 0.43 21.88
N ALA A 50 10.08 0.42 22.34
CA ALA A 50 8.98 1.02 21.59
C ALA A 50 7.86 1.30 22.56
N LYS A 51 7.64 2.57 22.87
CA LYS A 51 6.69 2.92 23.94
C LYS A 51 5.23 2.88 23.49
N GLY A 52 4.60 1.76 23.79
CA GLY A 52 3.19 1.63 23.58
C GLY A 52 2.83 1.03 22.25
N ARG A 53 1.54 0.77 22.14
CA ARG A 53 0.95 0.22 20.95
C ARG A 53 1.23 1.05 19.66
N ALA A 54 1.09 2.37 19.74
CA ALA A 54 1.26 3.26 18.59
C ALA A 54 2.68 3.09 18.00
N ALA A 55 3.68 3.01 18.88
CA ALA A 55 5.05 2.79 18.47
C ALA A 55 5.23 1.44 17.79
N VAL A 56 4.60 0.40 18.31
CA VAL A 56 4.68 -0.94 17.68
C VAL A 56 3.95 -0.96 16.31
N VAL A 57 2.81 -0.29 16.22
CA VAL A 57 2.14 -0.16 14.90
C VAL A 57 3.06 0.51 13.86
N GLU A 58 3.75 1.56 14.26
CA GLU A 58 4.70 2.23 13.35
C GLU A 58 5.89 1.33 12.94
N LEU A 59 6.30 0.46 13.85
CA LEU A 59 7.35 -0.53 13.55
C LEU A 59 6.82 -1.54 12.52
N VAL A 60 5.57 -1.95 12.69
CA VAL A 60 4.91 -2.80 11.69
C VAL A 60 4.89 -2.08 10.32
N ARG A 61 4.45 -0.83 10.34
CA ARG A 61 4.38 -0.04 9.13
C ARG A 61 5.77 -0.02 8.46
N HIS A 62 6.79 0.29 9.26
CA HIS A 62 8.16 0.36 8.79
C HIS A 62 8.58 -0.93 8.08
N ARG A 63 8.31 -2.07 8.70
CA ARG A 63 8.66 -3.35 8.13
C ARG A 63 7.94 -3.67 6.82
N VAL A 64 6.69 -3.22 6.68
CA VAL A 64 5.94 -3.44 5.44
C VAL A 64 6.46 -2.53 4.33
N VAL A 65 6.73 -1.27 4.63
CA VAL A 65 6.99 -0.29 3.58
C VAL A 65 8.49 -0.07 3.26
N ARG A 66 9.36 -0.91 3.83
N ARG A 66 9.32 -0.94 3.82
CA ARG A 66 10.82 -0.76 3.66
CA ARG A 66 10.77 -0.86 3.68
C ARG A 66 11.24 -0.73 2.20
C ARG A 66 11.18 -0.72 2.23
N GLU A 67 10.60 -1.56 1.37
CA GLU A 67 10.92 -1.62 -0.05
C GLU A 67 10.49 -0.42 -0.89
N ILE A 68 9.62 0.42 -0.35
CA ILE A 68 9.06 1.52 -1.13
C ILE A 68 10.08 2.65 -1.15
N ASP A 69 10.59 2.99 -2.34
CA ASP A 69 11.54 4.08 -2.50
C ASP A 69 10.76 5.30 -3.00
N GLY A 70 10.73 6.35 -2.17
CA GLY A 70 10.18 7.64 -2.54
C GLY A 70 11.19 8.49 -3.28
N SER A 71 12.48 8.16 -3.12
CA SER A 71 13.53 9.00 -3.70
C SER A 71 13.58 8.95 -5.23
N ALA A 72 12.79 8.06 -5.83
CA ALA A 72 12.63 8.06 -7.29
C ALA A 72 12.07 9.42 -7.79
N PHE A 73 11.26 10.05 -6.93
CA PHE A 73 10.80 11.41 -7.21
C PHE A 73 11.96 12.42 -7.43
N GLU A 74 13.14 12.15 -6.87
CA GLU A 74 14.30 13.01 -7.11
C GLU A 74 15.03 12.71 -8.42
N ARG A 75 14.68 11.64 -9.10
CA ARG A 75 15.52 11.14 -10.19
C ARG A 75 14.80 11.08 -11.53
N LEU A 76 13.49 11.14 -11.48
CA LEU A 76 12.67 10.89 -12.67
C LEU A 76 11.58 11.97 -12.73
N PRO A 77 11.04 12.24 -13.93
CA PRO A 77 9.86 13.12 -14.02
C PRO A 77 8.76 12.57 -13.15
N TRP A 78 7.88 13.44 -12.65
CA TRP A 78 6.87 13.06 -11.65
C TRP A 78 6.04 11.83 -12.03
N ASP A 79 5.71 11.67 -13.30
CA ASP A 79 4.79 10.59 -13.64
C ASP A 79 5.47 9.22 -13.71
N GLU A 80 6.71 9.19 -14.22
CA GLU A 80 7.58 8.03 -14.15
C GLU A 80 7.93 7.64 -12.71
N ALA A 81 8.25 8.63 -11.86
CA ALA A 81 8.52 8.36 -10.44
C ALA A 81 7.28 7.82 -9.72
N PHE A 82 6.14 8.41 -10.05
CA PHE A 82 4.86 8.01 -9.49
C PHE A 82 4.60 6.54 -9.82
N SER A 83 4.85 6.19 -11.08
CA SER A 83 4.69 4.81 -11.50
C SER A 83 5.64 3.80 -10.78
N GLU A 84 6.92 4.15 -10.63
CA GLU A 84 7.85 3.31 -9.85
C GLU A 84 7.45 3.16 -8.37
N TRP A 85 7.14 4.29 -7.74
CA TRP A 85 6.64 4.35 -6.36
C TRP A 85 5.34 3.55 -6.18
N ALA A 86 4.38 3.75 -7.09
CA ALA A 86 3.11 3.00 -7.05
C ALA A 86 3.30 1.48 -7.12
N ARG A 87 4.17 1.03 -8.03
CA ARG A 87 4.46 -0.40 -8.17
C ARG A 87 5.10 -1.05 -6.94
N SER A 88 6.07 -0.35 -6.35
CA SER A 88 6.69 -0.75 -5.10
C SER A 88 5.68 -0.81 -3.94
N TYR A 89 4.77 0.15 -3.92
CA TYR A 89 3.75 0.26 -2.88
C TYR A 89 2.73 -0.88 -3.00
N ARG A 90 2.22 -1.11 -4.21
CA ARG A 90 1.46 -2.30 -4.46
C ARG A 90 2.15 -3.59 -4.03
N ALA A 91 3.40 -3.79 -4.46
CA ALA A 91 4.11 -5.02 -4.17
C ALA A 91 4.27 -5.21 -2.65
N ALA A 92 4.70 -4.17 -1.95
CA ALA A 92 4.85 -4.22 -0.47
C ALA A 92 3.57 -4.65 0.25
N PHE A 93 2.45 -3.98 -0.05
CA PHE A 93 1.21 -4.26 0.65
C PHE A 93 0.59 -5.57 0.19
N SER A 94 0.82 -5.94 -1.07
CA SER A 94 0.27 -7.20 -1.55
C SER A 94 0.94 -8.42 -0.86
N ARG A 95 2.08 -8.26 -0.24
CA ARG A 95 2.69 -9.35 0.56
C ARG A 95 2.01 -9.48 1.91
N HIS A 96 1.38 -8.40 2.38
CA HIS A 96 0.74 -8.44 3.69
C HIS A 96 -0.69 -7.91 3.63
N PRO A 97 -1.57 -8.58 2.85
CA PRO A 97 -2.91 -8.01 2.68
C PRO A 97 -3.69 -7.90 3.99
N THR A 98 -3.37 -8.71 4.98
CA THR A 98 -4.13 -8.68 6.23
C THR A 98 -3.71 -7.50 7.10
N ALA A 99 -2.61 -6.85 6.73
CA ALA A 99 -2.15 -5.67 7.48
C ALA A 99 -2.72 -4.35 6.94
N ILE A 100 -3.41 -4.40 5.81
CA ILE A 100 -3.84 -3.19 5.10
C ILE A 100 -4.84 -2.39 5.93
N ARG A 101 -5.87 -3.06 6.47
CA ARG A 101 -6.87 -2.35 7.27
C ARG A 101 -6.20 -1.54 8.40
N LEU A 102 -5.38 -2.22 9.21
CA LEU A 102 -4.71 -1.58 10.35
C LEU A 102 -3.86 -0.40 9.90
N LEU A 103 -3.05 -0.60 8.88
CA LEU A 103 -2.12 0.47 8.49
C LEU A 103 -2.82 1.63 7.77
N ALA A 104 -3.95 1.34 7.12
CA ALA A 104 -4.71 2.43 6.44
C ALA A 104 -5.52 3.27 7.41
N THR A 105 -5.66 2.81 8.65
CA THR A 105 -6.52 3.45 9.66
C THR A 105 -5.80 3.84 10.97
N GLU A 106 -4.48 3.92 10.92
CA GLU A 106 -3.66 4.48 11.99
C GLU A 106 -2.76 5.58 11.42
N THR A 107 -2.74 6.72 12.09
CA THR A 107 -1.91 7.89 11.75
C THR A 107 -0.44 7.52 11.50
N VAL A 108 0.13 7.98 10.38
CA VAL A 108 1.54 7.74 10.07
C VAL A 108 2.49 8.63 10.86
N ARG A 109 3.39 8.02 11.62
CA ARG A 109 4.48 8.74 12.33
C ARG A 109 5.86 8.13 12.10
N ASP A 110 5.90 6.92 11.54
CA ASP A 110 7.16 6.25 11.22
C ASP A 110 8.03 7.19 10.37
N PRO A 111 9.28 7.51 10.85
CA PRO A 111 10.22 8.38 10.15
C PRO A 111 10.48 7.92 8.72
N GLY A 112 10.73 6.62 8.53
CA GLY A 112 10.93 6.06 7.16
C GLY A 112 9.77 6.35 6.21
N SER A 113 8.53 6.14 6.67
CA SER A 113 7.32 6.50 5.90
C SER A 113 7.16 7.99 5.63
N LEU A 114 7.36 8.81 6.66
CA LEU A 114 7.32 10.25 6.52
C LEU A 114 8.30 10.74 5.45
N SER A 115 9.49 10.14 5.43
CA SER A 115 10.45 10.42 4.36
C SER A 115 9.91 10.19 2.94
N VAL A 116 9.20 9.08 2.73
CA VAL A 116 8.59 8.76 1.43
C VAL A 116 7.58 9.84 1.07
N TYR A 117 6.77 10.24 2.07
CA TYR A 117 5.81 11.34 1.89
C TYR A 117 6.49 12.66 1.52
N HIS A 118 7.57 12.98 2.24
N HIS A 118 7.59 13.01 2.20
CA HIS A 118 8.43 14.15 1.97
CA HIS A 118 8.32 14.24 1.86
C HIS A 118 8.84 14.17 0.49
C HIS A 118 8.80 14.17 0.41
N SER A 119 9.34 13.03 0.01
CA SER A 119 9.78 12.88 -1.40
C SER A 119 8.67 13.02 -2.41
N ALA A 120 7.53 12.38 -2.20
CA ALA A 120 6.39 12.47 -3.13
C ALA A 120 5.86 13.91 -3.14
N ALA A 121 5.73 14.52 -1.97
CA ALA A 121 5.26 15.92 -1.86
C ALA A 121 6.20 16.85 -2.64
N ALA A 122 7.51 16.73 -2.42
CA ALA A 122 8.48 17.59 -3.14
C ALA A 122 8.44 17.30 -4.65
N GLY A 123 8.28 16.04 -5.02
CA GLY A 123 8.21 15.70 -6.45
C GLY A 123 6.98 16.33 -7.10
N LEU A 124 5.85 16.27 -6.42
CA LEU A 124 4.64 16.81 -7.01
C LEU A 124 4.61 18.35 -7.02
N ARG A 125 5.19 18.96 -6.00
CA ARG A 125 5.38 20.41 -5.99
C ARG A 125 6.26 20.84 -7.16
N GLY A 126 7.33 20.07 -7.38
CA GLY A 126 8.27 20.33 -8.46
C GLY A 126 7.64 20.27 -9.82
N ALA A 127 6.62 19.43 -9.94
CA ALA A 127 5.88 19.25 -11.17
C ALA A 127 4.89 20.41 -11.41
N GLY A 128 4.47 21.09 -10.36
CA GLY A 128 3.52 22.22 -10.52
C GLY A 128 2.17 22.01 -9.89
N PHE A 129 2.00 20.91 -9.17
CA PHE A 129 0.76 20.67 -8.44
C PHE A 129 0.69 21.71 -7.32
N PRO A 130 -0.44 22.41 -7.19
CA PRO A 130 -0.48 23.43 -6.13
C PRO A 130 -0.52 22.78 -4.75
N ASP A 131 -0.02 23.49 -3.73
CA ASP A 131 0.13 22.92 -2.38
C ASP A 131 -1.14 22.36 -1.81
N ASP A 132 -2.25 23.05 -2.07
CA ASP A 132 -3.54 22.63 -1.51
C ASP A 132 -4.11 21.38 -2.17
N HIS A 133 -3.42 20.89 -3.22
CA HIS A 133 -3.83 19.65 -3.92
C HIS A 133 -2.90 18.43 -3.63
N ILE A 134 -1.70 18.68 -3.14
CA ILE A 134 -0.65 17.63 -3.05
C ILE A 134 -1.05 16.47 -2.16
N ALA A 136 -4.02 15.35 -1.34
CA ALA A 136 -5.16 14.62 -1.95
C ALA A 136 -4.72 13.75 -3.12
N VAL A 137 -3.79 14.27 -3.94
CA VAL A 137 -3.18 13.51 -5.04
C VAL A 137 -2.52 12.24 -4.48
N ILE A 138 -1.68 12.40 -3.45
CA ILE A 138 -0.99 11.27 -2.84
C ILE A 138 -1.98 10.29 -2.21
N THR A 139 -2.97 10.82 -1.48
CA THR A 139 -3.97 9.96 -0.85
C THR A 139 -4.86 9.27 -1.90
N ALA A 140 -5.20 9.98 -2.97
CA ALA A 140 -6.03 9.35 -4.02
C ALA A 140 -5.30 8.13 -4.55
N ALA A 141 -4.00 8.32 -4.87
CA ALA A 141 -3.14 7.25 -5.36
C ALA A 141 -3.06 6.10 -4.34
N GLU A 142 -2.79 6.41 -3.07
CA GLU A 142 -2.76 5.36 -2.05
C GLU A 142 -4.06 4.57 -1.92
N ASN A 143 -5.23 5.25 -1.99
CA ASN A 143 -6.53 4.56 -1.96
C ASN A 143 -6.54 3.48 -3.05
N PHE A 144 -6.21 3.89 -4.28
CA PHE A 144 -6.19 2.93 -5.40
C PHE A 144 -5.21 1.78 -5.15
N LEU A 145 -4.03 2.12 -4.64
CA LEU A 145 -2.96 1.14 -4.49
C LEU A 145 -3.24 0.13 -3.38
N LEU A 146 -3.90 0.56 -2.30
CA LEU A 146 -4.28 -0.41 -1.27
C LEU A 146 -5.32 -1.38 -1.81
N GLY A 147 -6.28 -0.85 -2.55
CA GLY A 147 -7.26 -1.69 -3.25
C GLY A 147 -6.59 -2.65 -4.22
N ALA A 148 -5.58 -2.19 -4.96
CA ALA A 148 -4.94 -3.06 -5.96
C ALA A 148 -4.13 -4.14 -5.24
N ALA A 149 -3.60 -3.79 -4.06
CA ALA A 149 -2.85 -4.76 -3.26
C ALA A 149 -3.75 -5.92 -2.80
N LEU A 150 -4.95 -5.59 -2.34
CA LEU A 150 -5.97 -6.59 -2.05
C LEU A 150 -6.30 -7.43 -3.30
N ASP A 151 -6.53 -6.78 -4.45
CA ASP A 151 -6.86 -7.52 -5.66
C ASP A 151 -5.74 -8.47 -6.14
N ALA A 152 -4.50 -8.15 -5.84
CA ALA A 152 -3.38 -9.00 -6.22
C ALA A 152 -3.33 -10.23 -5.30
N ALA A 153 -3.82 -10.08 -4.08
CA ALA A 153 -3.94 -11.22 -3.17
C ALA A 153 -5.25 -11.99 -3.38
N ALA A 154 -6.14 -11.48 -4.22
CA ALA A 154 -7.42 -12.15 -4.44
C ALA A 154 -7.29 -13.31 -5.41
N PRO A 155 -8.29 -14.22 -5.45
CA PRO A 155 -8.37 -15.28 -6.47
C PRO A 155 -8.29 -14.71 -7.87
N GLU A 156 -7.78 -15.50 -8.80
CA GLU A 156 -7.64 -15.06 -10.19
C GLU A 156 -8.99 -14.93 -10.88
N VAL A 157 -9.97 -15.70 -10.42
CA VAL A 157 -11.35 -15.51 -10.89
C VAL A 157 -12.10 -14.86 -9.73
N ILE A 159 -15.15 -13.00 -10.20
CA ILE A 159 -16.56 -12.93 -10.51
C ILE A 159 -16.91 -14.19 -11.24
N GLU A 160 -17.88 -14.92 -10.67
CA GLU A 160 -18.40 -16.11 -11.31
C GLU A 160 -19.88 -15.91 -11.55
N ALA A 161 -20.28 -15.81 -12.82
CA ALA A 161 -21.69 -15.60 -13.15
C ALA A 161 -22.34 -16.89 -13.65
N ASP A 162 -23.58 -17.13 -13.21
CA ASP A 162 -24.34 -18.30 -13.67
C ASP A 162 -25.49 -17.84 -14.55
N SER A 163 -25.24 -17.78 -15.86
CA SER A 163 -26.21 -17.30 -16.83
C SER A 163 -26.46 -18.30 -17.95
N THR A 164 -27.58 -18.16 -18.65
CA THR A 164 -27.80 -18.95 -19.87
C THR A 164 -27.55 -18.07 -21.09
N THR A 165 -27.41 -16.76 -20.84
CA THR A 165 -27.15 -15.79 -21.90
C THR A 165 -25.66 -15.72 -22.30
N THR A 166 -25.42 -15.45 -23.58
CA THR A 166 -24.11 -15.58 -24.19
C THR A 166 -23.66 -14.23 -24.75
N ASP A 167 -24.62 -13.37 -25.06
CA ASP A 167 -24.33 -12.07 -25.68
C ASP A 167 -24.49 -10.87 -24.73
N ASP A 168 -24.85 -11.10 -23.45
CA ASP A 168 -25.00 -9.96 -22.52
C ASP A 168 -23.66 -9.36 -22.16
N ALA A 169 -23.73 -8.15 -21.60
CA ALA A 169 -22.53 -7.34 -21.48
C ALA A 169 -21.56 -7.94 -20.48
N LEU A 170 -22.08 -8.54 -19.42
CA LEU A 170 -21.19 -9.08 -18.39
C LEU A 170 -20.45 -10.36 -18.90
N THR A 171 -21.22 -11.32 -19.37
CA THR A 171 -20.66 -12.48 -20.09
C THR A 171 -19.58 -12.08 -21.08
N ARG A 172 -19.89 -11.17 -22.00
CA ARG A 172 -18.90 -10.72 -23.01
C ARG A 172 -17.65 -10.10 -22.40
N ALA A 173 -17.83 -9.24 -21.40
CA ALA A 173 -16.68 -8.59 -20.79
C ALA A 173 -15.80 -9.60 -20.04
N LEU A 174 -16.41 -10.54 -19.32
CA LEU A 174 -15.67 -11.57 -18.58
C LEU A 174 -14.94 -12.55 -19.51
N ALA A 175 -15.46 -12.76 -20.71
CA ALA A 175 -14.83 -13.68 -21.68
C ALA A 175 -13.65 -13.01 -22.37
N ALA A 176 -13.72 -11.69 -22.53
CA ALA A 176 -12.70 -10.93 -23.25
C ALA A 176 -11.57 -10.41 -22.35
N ALA A 177 -11.69 -10.63 -21.05
CA ALA A 177 -10.69 -10.20 -20.05
C ALA A 177 -9.53 -11.20 -19.82
N PRO A 178 -8.34 -10.70 -19.39
CA PRO A 178 -7.19 -11.55 -19.01
C PRO A 178 -7.51 -12.59 -17.92
N ARG A 179 -6.83 -13.73 -17.99
N ARG A 179 -6.84 -13.72 -17.97
CA ARG A 179 -7.02 -14.89 -17.09
CA ARG A 179 -7.05 -14.78 -17.01
C ARG A 179 -5.78 -15.07 -16.24
C ARG A 179 -5.84 -14.86 -16.09
N GLY A 180 -5.93 -15.71 -15.07
CA GLY A 180 -4.82 -15.96 -14.17
C GLY A 180 -4.42 -14.71 -13.39
N PRO A 181 -3.10 -14.57 -13.10
CA PRO A 181 -2.51 -13.39 -12.43
C PRO A 181 -2.65 -12.14 -13.28
N GLU A 182 -2.85 -12.33 -14.59
N GLU A 182 -2.85 -12.31 -14.59
CA GLU A 182 -3.00 -11.23 -15.54
CA GLU A 182 -2.98 -11.18 -15.50
C GLU A 182 -4.27 -10.40 -15.25
C GLU A 182 -4.27 -10.39 -15.26
N ARG A 183 -5.29 -11.00 -14.64
CA ARG A 183 -6.57 -10.29 -14.36
C ARG A 183 -6.33 -9.07 -13.47
N ALA A 184 -5.78 -9.30 -12.28
CA ALA A 184 -5.49 -8.21 -11.38
C ALA A 184 -4.44 -7.24 -11.97
N GLU A 185 -3.44 -7.79 -12.68
N GLU A 185 -3.45 -7.78 -12.70
CA GLU A 185 -2.43 -6.95 -13.34
CA GLU A 185 -2.43 -6.94 -13.32
C GLU A 185 -3.04 -5.99 -14.35
C GLU A 185 -3.01 -6.00 -14.37
N GLN A 186 -3.96 -6.48 -15.18
CA GLN A 186 -4.62 -5.64 -16.16
C GLN A 186 -5.33 -4.44 -15.53
N ALA A 187 -6.08 -4.72 -14.47
CA ALA A 187 -6.87 -3.68 -13.78
C ALA A 187 -5.92 -2.68 -13.12
N PHE A 188 -4.82 -3.19 -12.54
CA PHE A 188 -3.87 -2.33 -11.88
C PHE A 188 -3.23 -1.37 -12.92
N GLU A 189 -2.75 -1.92 -14.03
CA GLU A 189 -2.12 -1.12 -15.09
C GLU A 189 -3.06 -0.10 -15.73
N LEU A 190 -4.30 -0.51 -16.01
CA LEU A 190 -5.25 0.41 -16.62
C LEU A 190 -5.61 1.53 -15.65
N GLY A 191 -5.85 1.18 -14.38
CA GLY A 191 -6.18 2.16 -13.35
C GLY A 191 -5.04 3.12 -13.08
N LEU A 192 -3.80 2.59 -13.06
CA LEU A 192 -2.65 3.46 -12.90
C LEU A 192 -2.54 4.45 -14.04
N ALA A 193 -2.70 3.98 -15.27
CA ALA A 193 -2.60 4.86 -16.42
C ALA A 193 -3.74 5.87 -16.41
N ALA A 194 -4.92 5.46 -15.97
CA ALA A 194 -6.07 6.38 -15.98
C ALA A 194 -5.87 7.51 -14.94
N LEU A 195 -5.37 7.14 -13.79
CA LEU A 195 -5.10 8.08 -12.73
C LEU A 195 -4.02 9.11 -13.14
N LEU A 196 -2.95 8.63 -13.78
CA LEU A 196 -1.89 9.50 -14.26
C LEU A 196 -2.40 10.46 -15.34
N ALA A 197 -3.25 9.96 -16.23
CA ALA A 197 -3.89 10.82 -17.23
C ALA A 197 -4.71 11.88 -16.52
N GLY A 198 -5.44 11.48 -15.46
CA GLY A 198 -6.28 12.43 -14.71
C GLY A 198 -5.43 13.48 -14.03
N PHE A 199 -4.33 13.03 -13.43
CA PHE A 199 -3.40 13.95 -12.77
C PHE A 199 -2.70 14.92 -13.74
N HIS A 200 -2.36 14.43 -14.94
N HIS A 200 -2.37 14.45 -14.95
CA HIS A 200 -1.84 15.26 -16.02
CA HIS A 200 -1.83 15.34 -15.98
C HIS A 200 -2.85 16.35 -16.41
C HIS A 200 -2.86 16.39 -16.38
N HIS A 201 -4.13 15.98 -16.43
CA HIS A 201 -5.23 16.92 -16.72
C HIS A 201 -5.32 18.03 -15.64
N LEU A 202 -5.28 17.61 -14.37
CA LEU A 202 -5.16 18.54 -13.23
C LEU A 202 -4.06 19.58 -13.42
N LEU A 203 -2.92 19.13 -13.94
CA LEU A 203 -1.78 19.98 -14.14
C LEU A 203 -1.94 20.97 -15.31
N GLN A 204 -2.59 20.54 -16.39
CA GLN A 204 -2.90 21.40 -17.55
C GLN A 204 -3.84 22.54 -17.12
N GLU A 205 -4.87 22.19 -16.34
CA GLU A 205 -5.80 23.15 -15.75
C GLU A 205 -5.11 24.19 -14.88
N CYS A 206 -4.00 23.82 -14.25
CA CYS A 206 -3.25 24.73 -13.35
C CYS A 206 -2.26 25.64 -14.07
N GLY A 207 -2.20 25.54 -15.40
CA GLY A 207 -1.28 26.33 -16.20
C GLY A 207 0.04 25.64 -16.45
#